data_9IA3
#
_entry.id   9IA3
#
_cell.length_a   82.198
_cell.length_b   65.131
_cell.length_c   100.635
_cell.angle_alpha   90.000
_cell.angle_beta   106.850
_cell.angle_gamma   90.000
#
_symmetry.space_group_name_H-M   'C 1 2 1'
#
loop_
_entity.id
_entity.type
_entity.pdbx_description
1 polymer 'Fab Bc8.108 light chain'
2 polymer 'Fab Bc8.108 heavy chain'
3 polymer 'Large S protein'
4 non-polymer 1,2-ETHANEDIOL
5 non-polymer DI(HYDROXYETHYL)ETHER
6 water water
#
loop_
_entity_poly.entity_id
_entity_poly.type
_entity_poly.pdbx_seq_one_letter_code
_entity_poly.pdbx_strand_id
1 'polypeptide(L)'
;EIVLTQSPATLSLSPGARASLSCRASQSVNNFLAWYQQKPGQAPRLLIYDASKRATGIPARFSGSGSGTDFTLTISSLEP
EDFAVYYCQQRTNWPPLTFGGGTKVEIKRTVAAPSVFIFPPSDEQLKSGTASVVCLLNNFYPREAKVQWKVDNALQSGNS
QESVTEQDSKDSTYSLSSTLTLSKADYEKHKVYACEVTHQGLSSPVTKSFNRGEC
;
A
2 'polypeptide(L)'
;QVQLVQSGAEVKKPGSSVKVSCKASGGTFKTYTLTWVRQAPGQGLEWLGGIIPIFDAPNYAPKLLGRLTITADESTKTSY
MELSSLRSEDSAIYYCARVGDYGDHPPWGWFDLWGQGTLVTVSSASTKGPSVFPLAPSSKSTSGGTAALGCLVKDYFPEP
VTVSWNSGALTSGVHTFPAVLQSSGLYSLSSVVTVPSSSLGTQTYICNVNHKPSNTKVDKKVEPKSCD
;
B
3 'polypeptide(L)' MQWNSTAFHQALQDPRVRGLYFP E
#
# COMPACT_ATOMS: atom_id res chain seq x y z
N GLU A 1 15.24 -21.52 -6.73
CA GLU A 1 13.99 -20.77 -6.55
C GLU A 1 13.31 -20.56 -7.90
N ILE A 2 11.99 -20.70 -7.92
CA ILE A 2 11.21 -20.54 -9.14
C ILE A 2 10.64 -19.12 -9.16
N VAL A 3 11.06 -18.33 -10.14
CA VAL A 3 10.62 -16.94 -10.25
C VAL A 3 9.32 -16.91 -11.06
N LEU A 4 8.31 -16.24 -10.52
CA LEU A 4 7.04 -16.03 -11.19
C LEU A 4 6.99 -14.60 -11.68
N THR A 5 6.71 -14.43 -12.97
CA THR A 5 6.68 -13.11 -13.59
C THR A 5 5.26 -12.83 -14.08
N GLN A 6 4.68 -11.72 -13.62
CA GLN A 6 3.33 -11.36 -14.02
C GLN A 6 3.35 -10.24 -15.06
N SER A 7 2.37 -10.29 -15.95
CA SER A 7 2.24 -9.37 -17.08
C SER A 7 0.75 -9.14 -17.35
N PRO A 8 0.36 -7.91 -17.65
CA PRO A 8 1.18 -6.69 -17.60
C PRO A 8 1.20 -6.20 -16.17
N ALA A 9 1.92 -5.12 -15.86
CA ALA A 9 1.91 -4.62 -14.50
C ALA A 9 0.55 -4.03 -14.12
N THR A 10 -0.11 -3.38 -15.07
CA THR A 10 -1.39 -2.71 -14.87
C THR A 10 -2.27 -2.98 -16.07
N LEU A 11 -3.54 -3.31 -15.82
CA LEU A 11 -4.57 -3.39 -16.85
C LEU A 11 -5.59 -2.31 -16.57
N SER A 12 -5.96 -1.56 -17.58
CA SER A 12 -6.98 -0.53 -17.46
C SER A 12 -8.18 -0.98 -18.28
N LEU A 13 -9.27 -1.35 -17.60
CA LEU A 13 -10.40 -1.97 -18.27
C LEU A 13 -11.70 -1.41 -17.72
N SER A 14 -12.74 -1.36 -18.58
CA SER A 14 -14.02 -0.87 -18.13
C SER A 14 -14.77 -1.97 -17.39
N PRO A 15 -15.66 -1.61 -16.45
CA PRO A 15 -16.57 -2.60 -15.90
C PRO A 15 -17.30 -3.30 -17.04
N GLY A 16 -17.43 -4.62 -16.90
CA GLY A 16 -18.02 -5.44 -17.92
C GLY A 16 -17.04 -6.05 -18.91
N ALA A 17 -15.80 -5.56 -18.97
CA ALA A 17 -14.86 -6.08 -19.94
C ALA A 17 -14.20 -7.36 -19.42
N ARG A 18 -13.61 -8.11 -20.35
CA ARG A 18 -12.84 -9.31 -20.01
C ARG A 18 -11.43 -8.90 -19.62
N ALA A 19 -10.92 -9.49 -18.55
CA ALA A 19 -9.55 -9.29 -18.13
C ALA A 19 -8.78 -10.60 -18.26
N SER A 20 -7.58 -10.52 -18.83
CA SER A 20 -6.70 -11.68 -18.99
C SER A 20 -5.35 -11.32 -18.38
N LEU A 21 -4.97 -12.04 -17.34
CA LEU A 21 -3.74 -11.78 -16.59
C LEU A 21 -2.79 -12.96 -16.76
N SER A 22 -1.51 -12.65 -16.95
CA SER A 22 -0.51 -13.67 -17.24
C SER A 22 0.43 -13.87 -16.05
N CYS A 23 0.79 -15.13 -15.81
CA CYS A 23 1.82 -15.49 -14.84
C CYS A 23 2.68 -16.55 -15.49
N ARG A 24 3.99 -16.30 -15.58
CA ARG A 24 4.92 -17.24 -16.16
C ARG A 24 5.98 -17.63 -15.15
N ALA A 25 6.28 -18.92 -15.08
CA ALA A 25 7.25 -19.47 -14.14
C ALA A 25 8.56 -19.74 -14.85
N SER A 26 9.67 -19.53 -14.14
CA SER A 26 10.99 -19.71 -14.72
C SER A 26 11.31 -21.17 -15.03
N GLN A 27 10.63 -22.10 -14.36
CA GLN A 27 10.67 -23.51 -14.73
C GLN A 27 9.33 -24.10 -14.34
N SER A 28 9.07 -25.32 -14.81
CA SER A 28 7.74 -25.89 -14.66
C SER A 28 7.34 -26.05 -13.20
N VAL A 29 6.10 -25.69 -12.92
CA VAL A 29 5.48 -25.96 -11.62
C VAL A 29 4.32 -26.94 -11.75
N ASN A 30 4.25 -27.66 -12.88
CA ASN A 30 3.12 -28.55 -13.17
C ASN A 30 1.85 -27.73 -13.05
N ASN A 31 0.88 -28.14 -12.25
CA ASN A 31 -0.36 -27.39 -12.02
CA ASN A 31 -0.34 -27.36 -12.05
C ASN A 31 -0.35 -26.66 -10.68
N PHE A 32 0.78 -26.59 -10.00
CA PHE A 32 0.83 -26.13 -8.62
C PHE A 32 0.95 -24.61 -8.52
N LEU A 33 -0.06 -23.93 -9.06
CA LEU A 33 -0.11 -22.48 -9.15
C LEU A 33 -1.47 -21.99 -8.67
N ALA A 34 -1.46 -20.87 -7.94
CA ALA A 34 -2.69 -20.26 -7.47
C ALA A 34 -2.69 -18.76 -7.73
N TRP A 35 -3.89 -18.19 -7.63
CA TRP A 35 -4.11 -16.76 -7.81
C TRP A 35 -4.85 -16.20 -6.60
N TYR A 36 -4.39 -15.04 -6.13
CA TYR A 36 -4.97 -14.32 -5.02
C TYR A 36 -5.36 -12.92 -5.48
N GLN A 37 -6.40 -12.37 -4.86
CA GLN A 37 -6.84 -10.99 -5.05
C GLN A 37 -6.49 -10.20 -3.80
N GLN A 38 -6.07 -8.95 -3.97
CA GLN A 38 -5.81 -8.10 -2.81
C GLN A 38 -6.26 -6.68 -3.09
N LYS A 39 -7.03 -6.13 -2.17
CA LYS A 39 -7.48 -4.76 -2.22
C LYS A 39 -6.73 -3.93 -1.19
N PRO A 40 -6.64 -2.61 -1.40
CA PRO A 40 -5.94 -1.75 -0.43
C PRO A 40 -6.47 -1.95 0.99
N GLY A 41 -5.54 -2.09 1.93
CA GLY A 41 -5.89 -2.24 3.32
C GLY A 41 -6.45 -3.60 3.72
N GLN A 42 -6.39 -4.60 2.83
CA GLN A 42 -6.91 -5.91 3.14
C GLN A 42 -5.85 -6.98 2.86
N ALA A 43 -6.03 -8.13 3.51
CA ALA A 43 -5.19 -9.28 3.23
C ALA A 43 -5.57 -9.89 1.88
N PRO A 44 -4.65 -10.63 1.26
CA PRO A 44 -5.00 -11.36 0.03
C PRO A 44 -6.10 -12.38 0.28
N ARG A 45 -6.72 -12.81 -0.82
N ARG A 45 -6.78 -12.76 -0.80
CA ARG A 45 -7.83 -13.75 -0.80
CA ARG A 45 -7.80 -13.78 -0.74
C ARG A 45 -7.65 -14.75 -1.93
C ARG A 45 -7.60 -14.75 -1.90
N LEU A 46 -7.64 -16.05 -1.59
CA LEU A 46 -7.43 -17.09 -2.59
C LEU A 46 -8.62 -17.15 -3.56
N LEU A 47 -8.33 -17.18 -4.87
CA LEU A 47 -9.36 -17.22 -5.90
C LEU A 47 -9.39 -18.56 -6.61
N ILE A 48 -8.24 -18.94 -7.19
CA ILE A 48 -8.08 -20.11 -8.03
C ILE A 48 -6.84 -20.83 -7.53
N TYR A 49 -6.90 -22.16 -7.47
CA TYR A 49 -5.77 -22.92 -6.95
C TYR A 49 -5.57 -24.16 -7.81
N ASP A 50 -4.35 -24.70 -7.74
CA ASP A 50 -3.91 -25.76 -8.65
C ASP A 50 -4.33 -25.48 -10.09
N ALA A 51 -4.01 -24.26 -10.52
CA ALA A 51 -4.16 -23.74 -11.89
C ALA A 51 -5.59 -23.40 -12.27
N SER A 52 -6.55 -24.26 -11.94
CA SER A 52 -7.88 -24.11 -12.51
C SER A 52 -9.02 -24.37 -11.53
N LYS A 53 -8.75 -24.73 -10.29
CA LYS A 53 -9.82 -25.03 -9.34
C LYS A 53 -10.26 -23.73 -8.68
N ARG A 54 -11.56 -23.56 -8.52
CA ARG A 54 -12.10 -22.33 -7.95
C ARG A 54 -12.36 -22.52 -6.46
N ALA A 55 -11.85 -21.61 -5.64
CA ALA A 55 -12.10 -21.70 -4.21
C ALA A 55 -13.58 -21.47 -3.91
N THR A 56 -14.06 -22.14 -2.87
CA THR A 56 -15.44 -21.93 -2.45
C THR A 56 -15.63 -20.46 -2.08
N GLY A 57 -16.77 -19.89 -2.49
CA GLY A 57 -17.06 -18.49 -2.25
C GLY A 57 -16.66 -17.55 -3.37
N ILE A 58 -15.95 -18.05 -4.37
CA ILE A 58 -15.41 -17.22 -5.45
C ILE A 58 -16.37 -17.27 -6.64
N PRO A 59 -16.74 -16.13 -7.22
CA PRO A 59 -17.68 -16.12 -8.34
C PRO A 59 -17.18 -16.85 -9.59
N ALA A 60 -18.17 -17.32 -10.37
CA ALA A 60 -17.92 -18.13 -11.56
C ALA A 60 -17.23 -17.37 -12.69
N ARG A 61 -17.22 -16.03 -12.66
CA ARG A 61 -16.53 -15.26 -13.69
C ARG A 61 -15.01 -15.35 -13.58
N PHE A 62 -14.46 -15.91 -12.50
CA PHE A 62 -13.03 -16.13 -12.37
C PHE A 62 -12.69 -17.54 -12.82
N SER A 63 -11.78 -17.66 -13.78
CA SER A 63 -11.29 -18.97 -14.22
C SER A 63 -9.79 -18.90 -14.42
N GLY A 64 -9.10 -19.99 -14.09
CA GLY A 64 -7.67 -20.11 -14.32
C GLY A 64 -7.39 -21.19 -15.33
N SER A 65 -6.30 -21.02 -16.07
CA SER A 65 -5.87 -22.01 -17.05
C SER A 65 -4.36 -22.02 -17.11
N GLY A 66 -3.83 -23.03 -17.79
CA GLY A 66 -2.41 -23.16 -18.00
C GLY A 66 -1.84 -24.35 -17.24
N SER A 67 -0.60 -24.69 -17.61
CA SER A 67 0.12 -25.77 -16.98
C SER A 67 1.60 -25.53 -17.26
N GLY A 68 2.44 -26.06 -16.40
CA GLY A 68 3.87 -26.01 -16.63
C GLY A 68 4.46 -24.66 -16.29
N THR A 69 4.65 -23.80 -17.29
CA THR A 69 5.24 -22.49 -17.06
C THR A 69 4.33 -21.31 -17.38
N ASP A 70 3.24 -21.50 -18.11
CA ASP A 70 2.46 -20.39 -18.63
C ASP A 70 1.03 -20.50 -18.10
N PHE A 71 0.59 -19.51 -17.36
CA PHE A 71 -0.71 -19.54 -16.69
C PHE A 71 -1.47 -18.24 -16.94
N THR A 72 -2.79 -18.33 -16.90
CA THR A 72 -3.66 -17.20 -17.16
C THR A 72 -4.80 -17.21 -16.16
N LEU A 73 -5.11 -16.05 -15.59
CA LEU A 73 -6.33 -15.81 -14.86
C LEU A 73 -7.22 -14.96 -15.76
N THR A 74 -8.43 -15.43 -16.00
CA THR A 74 -9.39 -14.69 -16.82
C THR A 74 -10.56 -14.30 -15.94
N ILE A 75 -10.92 -13.03 -15.96
CA ILE A 75 -12.15 -12.54 -15.37
C ILE A 75 -13.06 -12.23 -16.54
N SER A 76 -14.11 -13.02 -16.73
CA SER A 76 -14.83 -12.98 -17.99
C SER A 76 -15.55 -11.66 -18.19
N SER A 77 -16.03 -11.03 -17.12
CA SER A 77 -16.73 -9.74 -17.20
C SER A 77 -16.52 -9.03 -15.86
N LEU A 78 -15.76 -7.95 -15.87
CA LEU A 78 -15.33 -7.30 -14.62
C LEU A 78 -16.48 -6.63 -13.90
N GLU A 79 -16.60 -6.90 -12.60
CA GLU A 79 -17.50 -6.23 -11.68
C GLU A 79 -16.70 -5.16 -10.93
N PRO A 80 -17.37 -4.12 -10.42
CA PRO A 80 -16.62 -3.06 -9.71
C PRO A 80 -15.73 -3.58 -8.58
N GLU A 81 -16.18 -4.61 -7.88
CA GLU A 81 -15.41 -5.18 -6.78
C GLU A 81 -14.18 -5.96 -7.25
N ASP A 82 -14.01 -6.16 -8.56
CA ASP A 82 -12.88 -6.93 -9.07
C ASP A 82 -11.66 -6.07 -9.34
N PHE A 83 -11.78 -4.76 -9.29
CA PHE A 83 -10.63 -3.90 -9.53
C PHE A 83 -9.77 -3.92 -8.27
N ALA A 84 -8.55 -4.45 -8.42
CA ALA A 84 -7.74 -4.90 -7.31
C ALA A 84 -6.41 -5.36 -7.86
N VAL A 85 -5.52 -5.79 -6.99
CA VAL A 85 -4.25 -6.38 -7.41
C VAL A 85 -4.36 -7.89 -7.32
N TYR A 86 -3.76 -8.58 -8.28
CA TYR A 86 -3.82 -10.03 -8.36
C TYR A 86 -2.40 -10.59 -8.36
N TYR A 87 -2.17 -11.60 -7.52
CA TYR A 87 -0.87 -12.26 -7.40
C TYR A 87 -0.99 -13.73 -7.73
N CYS A 88 0.01 -14.27 -8.43
CA CYS A 88 0.13 -15.72 -8.54
C CYS A 88 1.16 -16.23 -7.52
N GLN A 89 1.11 -17.53 -7.24
CA GLN A 89 1.97 -18.14 -6.25
C GLN A 89 2.11 -19.62 -6.60
N GLN A 90 3.28 -20.19 -6.32
CA GLN A 90 3.46 -21.63 -6.50
C GLN A 90 3.72 -22.30 -5.15
N ARG A 91 3.24 -23.55 -5.02
CA ARG A 91 3.33 -24.28 -3.75
C ARG A 91 4.24 -25.52 -3.81
N THR A 92 5.01 -25.68 -4.88
CA THR A 92 5.72 -26.94 -5.12
C THR A 92 7.22 -26.89 -4.83
N ASN A 93 7.87 -25.76 -5.06
CA ASN A 93 9.32 -25.64 -4.96
C ASN A 93 9.67 -24.70 -3.82
N TRP A 94 10.58 -25.10 -2.95
CA TRP A 94 10.84 -24.35 -1.72
C TRP A 94 12.14 -24.85 -1.10
N PRO A 95 12.77 -24.03 -0.26
CA PRO A 95 12.44 -22.64 0.05
C PRO A 95 13.05 -21.70 -0.96
N PRO A 96 12.49 -20.50 -1.13
CA PRO A 96 11.22 -20.04 -0.57
C PRO A 96 10.07 -20.43 -1.48
N LEU A 97 8.86 -20.54 -0.94
CA LEU A 97 7.69 -20.47 -1.80
C LEU A 97 7.65 -19.06 -2.38
N THR A 98 7.18 -18.93 -3.63
CA THR A 98 7.31 -17.67 -4.35
C THR A 98 5.98 -17.18 -4.88
N PHE A 99 5.89 -15.85 -4.96
CA PHE A 99 4.78 -15.10 -5.52
C PHE A 99 5.25 -14.30 -6.72
N GLY A 100 4.36 -14.09 -7.68
CA GLY A 100 4.59 -13.12 -8.72
C GLY A 100 4.50 -11.71 -8.17
N GLY A 101 4.93 -10.75 -8.99
CA GLY A 101 4.97 -9.37 -8.54
C GLY A 101 3.66 -8.62 -8.56
N GLY A 102 2.60 -9.23 -9.05
CA GLY A 102 1.27 -8.61 -9.04
C GLY A 102 0.93 -7.88 -10.33
N THR A 103 -0.36 -7.91 -10.66
CA THR A 103 -0.95 -7.12 -11.73
C THR A 103 -2.11 -6.35 -11.14
N LYS A 104 -2.12 -5.04 -11.31
CA LYS A 104 -3.22 -4.22 -10.84
C LYS A 104 -4.24 -4.05 -11.97
N VAL A 105 -5.50 -4.32 -11.68
CA VAL A 105 -6.58 -4.07 -12.62
C VAL A 105 -7.29 -2.82 -12.14
N GLU A 106 -7.26 -1.76 -12.94
CA GLU A 106 -7.88 -0.49 -12.55
C GLU A 106 -8.95 -0.10 -13.56
N ILE A 107 -9.82 0.81 -13.14
CA ILE A 107 -11.03 1.13 -13.89
C ILE A 107 -10.71 2.12 -14.99
N LYS A 108 -11.01 1.74 -16.23
CA LYS A 108 -10.93 2.67 -17.35
C LYS A 108 -12.22 3.47 -17.41
N ARG A 109 -12.08 4.79 -17.49
CA ARG A 109 -13.21 5.70 -17.66
C ARG A 109 -12.77 6.76 -18.65
N THR A 110 -13.67 7.69 -18.95
CA THR A 110 -13.31 8.74 -19.89
C THR A 110 -12.20 9.62 -19.30
N VAL A 111 -11.42 10.23 -20.20
CA VAL A 111 -10.37 11.15 -19.78
C VAL A 111 -10.98 12.32 -19.02
N ALA A 112 -10.34 12.70 -17.93
CA ALA A 112 -10.76 13.85 -17.13
C ALA A 112 -9.52 14.64 -16.76
N ALA A 113 -9.50 15.91 -17.14
CA ALA A 113 -8.36 16.77 -16.80
C ALA A 113 -8.36 17.10 -15.32
N PRO A 114 -7.17 17.24 -14.72
CA PRO A 114 -7.11 17.69 -13.32
C PRO A 114 -7.47 19.16 -13.21
N SER A 115 -8.08 19.50 -12.07
CA SER A 115 -8.14 20.88 -11.62
C SER A 115 -6.92 21.10 -10.73
N VAL A 116 -6.18 22.16 -10.97
CA VAL A 116 -4.87 22.36 -10.35
C VAL A 116 -4.93 23.54 -9.38
N PHE A 117 -4.27 23.40 -8.24
CA PHE A 117 -4.22 24.44 -7.22
C PHE A 117 -2.81 24.48 -6.63
N ILE A 118 -2.29 25.68 -6.35
CA ILE A 118 -1.00 25.84 -5.69
C ILE A 118 -1.20 26.49 -4.33
N PHE A 119 -0.42 26.04 -3.35
CA PHE A 119 -0.50 26.57 -1.98
C PHE A 119 0.88 27.04 -1.54
N PRO A 120 1.02 28.29 -1.12
CA PRO A 120 2.31 28.76 -0.60
C PRO A 120 2.55 28.22 0.80
N PRO A 121 3.80 28.27 1.29
CA PRO A 121 4.05 27.90 2.68
C PRO A 121 3.40 28.90 3.61
N SER A 122 3.01 28.41 4.78
CA SER A 122 2.45 29.27 5.81
C SER A 122 3.55 30.06 6.49
N ASP A 123 3.19 31.24 6.99
CA ASP A 123 4.15 32.01 7.78
C ASP A 123 4.60 31.23 9.00
N GLU A 124 3.70 30.45 9.62
CA GLU A 124 4.08 29.67 10.78
C GLU A 124 5.19 28.68 10.45
N GLN A 125 5.08 27.97 9.33
CA GLN A 125 6.11 27.02 8.96
C GLN A 125 7.43 27.72 8.70
N LEU A 126 7.37 28.87 8.01
CA LEU A 126 8.59 29.61 7.70
C LEU A 126 9.40 29.92 8.95
N LYS A 127 8.73 30.20 10.07
CA LYS A 127 9.44 30.50 11.31
C LYS A 127 10.36 29.37 11.74
N SER A 128 10.09 28.14 11.30
CA SER A 128 10.87 26.97 11.70
C SER A 128 12.01 26.63 10.75
N GLY A 129 12.19 27.37 9.66
CA GLY A 129 13.35 27.21 8.79
C GLY A 129 13.12 26.41 7.53
N THR A 130 11.89 25.98 7.25
CA THR A 130 11.58 25.21 6.06
C THR A 130 10.32 25.78 5.41
N ALA A 131 10.25 25.66 4.09
CA ALA A 131 9.08 26.04 3.31
C ALA A 131 8.61 24.85 2.51
N SER A 132 7.34 24.47 2.68
CA SER A 132 6.69 23.48 1.84
C SER A 132 5.73 24.19 0.90
N VAL A 133 5.84 23.90 -0.39
CA VAL A 133 4.94 24.43 -1.40
C VAL A 133 4.19 23.24 -1.98
N VAL A 134 2.86 23.33 -2.05
CA VAL A 134 2.06 22.17 -2.43
C VAL A 134 1.30 22.47 -3.70
N CYS A 135 1.32 21.53 -4.64
CA CYS A 135 0.52 21.57 -5.84
C CYS A 135 -0.45 20.39 -5.82
N LEU A 136 -1.73 20.68 -6.01
CA LEU A 136 -2.79 19.69 -5.97
C LEU A 136 -3.36 19.52 -7.37
N LEU A 137 -3.44 18.27 -7.83
CA LEU A 137 -4.10 17.88 -9.07
C LEU A 137 -5.33 17.09 -8.66
N ASN A 138 -6.50 17.64 -8.90
CA ASN A 138 -7.73 17.06 -8.36
C ASN A 138 -8.58 16.38 -9.43
N ASN A 139 -8.96 15.13 -9.15
CA ASN A 139 -10.00 14.38 -9.84
C ASN A 139 -9.73 14.23 -11.33
N PHE A 140 -8.67 13.50 -11.65
CA PHE A 140 -8.25 13.33 -13.04
C PHE A 140 -8.18 11.85 -13.42
N TYR A 141 -8.15 11.61 -14.74
CA TYR A 141 -8.03 10.26 -15.26
C TYR A 141 -7.49 10.38 -16.68
N PRO A 142 -6.50 9.58 -17.09
CA PRO A 142 -5.82 8.49 -16.36
C PRO A 142 -4.83 9.03 -15.33
N ARG A 143 -4.21 8.07 -14.63
CA ARG A 143 -3.36 8.40 -13.50
CA ARG A 143 -3.36 8.43 -13.50
C ARG A 143 -2.07 9.11 -13.94
N GLU A 144 -1.61 8.87 -15.16
CA GLU A 144 -0.34 9.44 -15.59
C GLU A 144 -0.46 10.96 -15.69
N ALA A 145 0.48 11.66 -15.07
CA ALA A 145 0.48 13.11 -15.08
C ALA A 145 1.91 13.57 -14.81
N LYS A 146 2.29 14.70 -15.39
CA LYS A 146 3.62 15.25 -15.19
C LYS A 146 3.48 16.58 -14.48
N VAL A 147 4.20 16.72 -13.37
CA VAL A 147 4.22 17.93 -12.58
C VAL A 147 5.64 18.46 -12.60
N GLN A 148 5.81 19.71 -12.96
CA GLN A 148 7.11 20.34 -12.97
CA GLN A 148 7.12 20.34 -12.96
C GLN A 148 7.08 21.60 -12.12
N TRP A 149 8.00 21.73 -11.18
CA TRP A 149 8.13 22.93 -10.38
C TRP A 149 9.14 23.86 -11.00
N LYS A 150 8.83 25.15 -10.98
CA LYS A 150 9.75 26.19 -11.41
C LYS A 150 9.83 27.26 -10.33
N VAL A 151 11.04 27.70 -10.03
CA VAL A 151 11.27 28.78 -9.07
C VAL A 151 12.11 29.82 -9.80
N ASP A 152 11.54 31.03 -9.98
CA ASP A 152 12.16 32.06 -10.81
C ASP A 152 12.63 31.49 -12.14
N ASN A 153 11.79 30.65 -12.74
CA ASN A 153 12.02 30.07 -14.05
C ASN A 153 13.04 28.94 -14.05
N ALA A 154 13.58 28.53 -12.90
CA ALA A 154 14.51 27.41 -12.83
C ALA A 154 13.72 26.13 -12.59
N LEU A 155 13.92 25.15 -13.46
CA LEU A 155 13.33 23.83 -13.31
C LEU A 155 13.89 23.14 -12.07
N GLN A 156 13.02 22.71 -11.17
CA GLN A 156 13.45 22.03 -9.95
C GLN A 156 13.52 20.53 -10.16
N SER A 157 14.50 19.91 -9.54
CA SER A 157 14.52 18.46 -9.47
CA SER A 157 14.65 18.45 -9.55
C SER A 157 15.19 18.01 -8.20
N GLY A 158 14.72 16.88 -7.69
CA GLY A 158 15.29 16.28 -6.51
C GLY A 158 14.71 16.75 -5.19
N ASN A 159 13.87 17.79 -5.22
CA ASN A 159 13.34 18.42 -4.01
C ASN A 159 11.83 18.38 -3.93
N SER A 160 11.20 17.44 -4.62
CA SER A 160 9.76 17.28 -4.52
C SER A 160 9.40 15.81 -4.34
N GLN A 161 8.26 15.57 -3.70
CA GLN A 161 7.69 14.25 -3.56
C GLN A 161 6.21 14.28 -3.91
N GLU A 162 5.75 13.23 -4.56
CA GLU A 162 4.36 13.09 -4.97
C GLU A 162 3.64 12.03 -4.15
N SER A 163 2.34 12.22 -3.95
CA SER A 163 1.49 11.21 -3.35
C SER A 163 0.21 11.16 -4.15
N VAL A 164 -0.37 9.98 -4.32
CA VAL A 164 -1.56 9.80 -5.15
C VAL A 164 -2.59 9.01 -4.38
N THR A 165 -3.86 9.36 -4.54
CA THR A 165 -4.91 8.59 -3.91
C THR A 165 -5.18 7.30 -4.69
N GLU A 166 -5.91 6.39 -4.02
CA GLU A 166 -6.51 5.28 -4.75
C GLU A 166 -7.64 5.81 -5.63
N GLN A 167 -8.03 5.01 -6.61
CA GLN A 167 -9.13 5.37 -7.51
CA GLN A 167 -9.11 5.40 -7.50
C GLN A 167 -10.39 5.65 -6.72
N ASP A 168 -11.01 6.79 -6.97
CA ASP A 168 -12.19 7.18 -6.21
C ASP A 168 -13.35 6.23 -6.48
N SER A 169 -14.04 5.83 -5.39
CA SER A 169 -15.15 4.90 -5.54
C SER A 169 -16.33 5.51 -6.29
N LYS A 170 -16.49 6.84 -6.24
CA LYS A 170 -17.66 7.49 -6.84
C LYS A 170 -17.44 7.76 -8.32
N ASP A 171 -16.28 8.30 -8.69
CA ASP A 171 -16.06 8.76 -10.07
C ASP A 171 -14.86 8.14 -10.76
N SER A 172 -14.15 7.22 -10.11
CA SER A 172 -13.02 6.50 -10.70
C SER A 172 -11.87 7.41 -11.10
N THR A 173 -11.75 8.59 -10.48
CA THR A 173 -10.62 9.46 -10.76
C THR A 173 -9.55 9.28 -9.69
N TYR A 174 -8.41 9.91 -9.95
CA TYR A 174 -7.31 10.02 -9.02
C TYR A 174 -7.12 11.48 -8.62
N SER A 175 -6.49 11.70 -7.47
CA SER A 175 -5.97 13.01 -7.11
C SER A 175 -4.52 12.83 -6.68
N LEU A 176 -3.74 13.90 -6.81
CA LEU A 176 -2.30 13.83 -6.60
C LEU A 176 -1.81 15.11 -5.96
N SER A 177 -0.87 14.98 -5.05
CA SER A 177 -0.17 16.14 -4.51
C SER A 177 1.30 16.04 -4.92
N SER A 178 1.90 17.19 -5.20
CA SER A 178 3.34 17.31 -5.30
C SER A 178 3.79 18.36 -4.30
N THR A 179 4.75 18.01 -3.47
CA THR A 179 5.22 18.90 -2.41
C THR A 179 6.67 19.23 -2.66
N LEU A 180 6.97 20.52 -2.84
CA LEU A 180 8.31 21.04 -3.04
C LEU A 180 8.81 21.52 -1.69
N THR A 181 9.96 21.04 -1.26
CA THR A 181 10.50 21.42 0.04
C THR A 181 11.78 22.20 -0.15
N LEU A 182 11.83 23.40 0.41
CA LEU A 182 12.99 24.28 0.32
C LEU A 182 13.37 24.71 1.72
N SER A 183 14.65 25.02 1.91
CA SER A 183 15.02 25.72 3.12
C SER A 183 14.42 27.13 3.11
N LYS A 184 14.21 27.68 4.30
CA LYS A 184 13.77 29.06 4.39
C LYS A 184 14.72 30.00 3.66
N ALA A 185 16.03 29.77 3.81
CA ALA A 185 17.02 30.62 3.14
C ALA A 185 16.84 30.59 1.62
N ASP A 186 16.66 29.40 1.04
CA ASP A 186 16.44 29.34 -0.41
C ASP A 186 15.12 30.00 -0.79
N TYR A 187 14.07 29.72 -0.02
CA TYR A 187 12.74 30.23 -0.34
C TYR A 187 12.74 31.76 -0.39
N GLU A 188 13.38 32.39 0.59
CA GLU A 188 13.35 33.85 0.67
C GLU A 188 14.22 34.53 -0.38
N LYS A 189 15.05 33.78 -1.11
CA LYS A 189 15.89 34.33 -2.15
C LYS A 189 15.19 34.38 -3.49
N HIS A 190 13.96 33.86 -3.60
CA HIS A 190 13.28 33.76 -4.88
C HIS A 190 11.87 34.29 -4.80
N LYS A 191 11.33 34.64 -5.96
CA LYS A 191 10.04 35.31 -6.06
C LYS A 191 8.92 34.43 -6.60
N VAL A 192 9.09 33.82 -7.76
CA VAL A 192 7.99 33.19 -8.47
C VAL A 192 8.05 31.69 -8.26
N TYR A 193 6.96 31.13 -7.72
CA TYR A 193 6.83 29.70 -7.46
C TYR A 193 5.70 29.19 -8.32
N ALA A 194 5.99 28.21 -9.18
CA ALA A 194 5.02 27.75 -10.15
C ALA A 194 5.04 26.24 -10.25
N CYS A 195 3.85 25.67 -10.41
CA CYS A 195 3.73 24.27 -10.76
CA CYS A 195 3.63 24.26 -10.69
C CYS A 195 3.03 24.16 -12.10
N GLU A 196 3.65 23.39 -12.98
CA GLU A 196 3.17 23.21 -14.33
C GLU A 196 2.75 21.77 -14.52
N VAL A 197 1.52 21.57 -14.98
CA VAL A 197 0.90 20.25 -15.06
C VAL A 197 0.62 19.90 -16.51
N THR A 198 1.07 18.73 -16.92
CA THR A 198 0.77 18.16 -18.23
C THR A 198 -0.04 16.89 -18.03
N HIS A 199 -1.11 16.73 -18.80
CA HIS A 199 -2.00 15.59 -18.65
C HIS A 199 -2.78 15.43 -19.94
N GLN A 200 -3.14 14.19 -20.26
CA GLN A 200 -3.86 13.88 -21.50
C GLN A 200 -5.13 14.71 -21.66
N GLY A 201 -5.80 15.03 -20.57
CA GLY A 201 -7.02 15.81 -20.64
C GLY A 201 -6.84 17.29 -20.87
N LEU A 202 -5.61 17.78 -20.85
CA LEU A 202 -5.31 19.20 -20.99
C LEU A 202 -4.78 19.47 -22.39
N SER A 203 -5.39 20.43 -23.07
CA SER A 203 -4.95 20.81 -24.41
C SER A 203 -3.71 21.68 -24.39
N SER A 204 -3.29 22.16 -23.23
CA SER A 204 -2.03 22.86 -23.05
C SER A 204 -1.68 22.70 -21.58
N PRO A 205 -0.40 22.67 -21.22
CA PRO A 205 -0.05 22.52 -19.81
C PRO A 205 -0.65 23.67 -19.00
N VAL A 206 -1.06 23.35 -17.77
CA VAL A 206 -1.63 24.33 -16.85
C VAL A 206 -0.54 24.76 -15.89
N THR A 207 -0.36 26.06 -15.72
CA THR A 207 0.57 26.56 -14.72
C THR A 207 -0.20 27.33 -13.65
N LYS A 208 0.04 27.00 -12.39
CA LYS A 208 -0.48 27.79 -11.28
C LYS A 208 0.73 28.33 -10.53
N SER A 209 0.67 29.59 -10.12
CA SER A 209 1.85 30.20 -9.56
C SER A 209 1.46 31.27 -8.54
N PHE A 210 2.42 31.63 -7.71
CA PHE A 210 2.29 32.79 -6.85
C PHE A 210 3.64 33.49 -6.78
N ASN A 211 3.60 34.77 -6.42
CA ASN A 211 4.79 35.55 -6.11
C ASN A 211 4.92 35.64 -4.60
N ARG A 212 6.07 35.25 -4.07
CA ARG A 212 6.30 35.29 -2.63
C ARG A 212 6.04 36.69 -2.10
N GLY A 213 5.22 36.78 -1.05
CA GLY A 213 4.92 38.03 -0.40
C GLY A 213 3.84 38.87 -1.04
N GLU A 214 3.19 38.38 -2.09
CA GLU A 214 2.11 39.10 -2.74
C GLU A 214 0.78 38.40 -2.52
N CYS A 215 -0.27 39.19 -2.27
CA CYS A 215 -1.58 38.66 -1.90
C CYS A 215 -2.32 38.07 -3.10
N GLN B 1 -15.43 -20.18 9.26
CA GLN B 1 -15.89 -19.72 10.58
C GLN B 1 -14.74 -19.58 11.58
N VAL B 2 -13.61 -20.24 11.30
CA VAL B 2 -12.38 -19.93 12.02
C VAL B 2 -11.90 -18.54 11.59
N GLN B 3 -11.46 -17.75 12.56
CA GLN B 3 -10.89 -16.43 12.32
C GLN B 3 -9.48 -16.39 12.90
N LEU B 4 -8.63 -15.59 12.28
CA LEU B 4 -7.23 -15.44 12.69
C LEU B 4 -7.01 -14.00 13.12
N VAL B 5 -6.58 -13.81 14.37
CA VAL B 5 -6.44 -12.48 14.95
C VAL B 5 -4.98 -12.26 15.34
N GLN B 6 -4.36 -11.23 14.78
CA GLN B 6 -2.96 -10.92 15.02
C GLN B 6 -2.79 -9.84 16.07
N SER B 7 -1.60 -9.79 16.65
CA SER B 7 -1.26 -8.76 17.62
C SER B 7 -1.09 -7.40 16.94
N GLY B 8 -0.96 -6.35 17.76
CA GLY B 8 -0.99 -5.00 17.28
C GLY B 8 0.33 -4.50 16.71
N ALA B 9 0.27 -3.27 16.17
CA ALA B 9 1.40 -2.68 15.46
C ALA B 9 2.62 -2.57 16.38
N GLU B 10 3.79 -2.67 15.76
CA GLU B 10 5.07 -2.59 16.47
C GLU B 10 5.97 -1.56 15.81
N VAL B 11 6.79 -0.91 16.64
CA VAL B 11 7.77 0.08 16.20
C VAL B 11 9.09 -0.25 16.87
N LYS B 12 10.13 -0.48 16.07
CA LYS B 12 11.37 -1.03 16.56
C LYS B 12 12.56 -0.29 15.96
N LYS B 13 13.66 -0.27 16.73
CA LYS B 13 14.92 0.29 16.25
C LYS B 13 15.72 -0.77 15.50
N PRO B 14 16.56 -0.35 14.57
CA PRO B 14 17.42 -1.32 13.87
C PRO B 14 18.26 -2.11 14.88
N GLY B 15 18.42 -3.39 14.60
CA GLY B 15 19.14 -4.29 15.46
C GLY B 15 18.31 -4.96 16.53
N SER B 16 17.10 -4.49 16.79
CA SER B 16 16.25 -5.08 17.81
C SER B 16 15.50 -6.27 17.22
N SER B 17 14.51 -6.78 17.96
CA SER B 17 13.72 -7.92 17.53
C SER B 17 12.25 -7.65 17.76
N VAL B 18 11.41 -8.37 17.03
CA VAL B 18 9.96 -8.25 17.16
C VAL B 18 9.37 -9.65 17.20
N LYS B 19 8.30 -9.82 17.97
CA LYS B 19 7.56 -11.07 18.02
C LYS B 19 6.09 -10.76 17.82
N VAL B 20 5.53 -11.25 16.71
CA VAL B 20 4.13 -11.04 16.34
C VAL B 20 3.39 -12.35 16.56
N SER B 21 2.15 -12.26 17.04
CA SER B 21 1.35 -13.46 17.28
C SER B 21 0.11 -13.48 16.37
N CYS B 22 -0.43 -14.68 16.20
CA CYS B 22 -1.63 -14.92 15.40
C CYS B 22 -2.40 -16.04 16.08
N LYS B 23 -3.62 -15.75 16.53
CA LYS B 23 -4.43 -16.71 17.27
C LYS B 23 -5.63 -17.11 16.45
N ALA B 24 -5.83 -18.43 16.30
CA ALA B 24 -7.02 -18.94 15.64
C ALA B 24 -8.16 -19.03 16.65
N SER B 25 -9.36 -18.66 16.21
CA SER B 25 -10.52 -18.61 17.10
C SER B 25 -11.13 -19.99 17.34
N GLY B 26 -10.67 -21.01 16.64
CA GLY B 26 -11.23 -22.33 16.78
C GLY B 26 -10.68 -23.25 15.70
N GLY B 27 -11.32 -24.41 15.56
CA GLY B 27 -10.94 -25.38 14.55
C GLY B 27 -9.70 -26.16 14.95
N THR B 28 -9.46 -27.24 14.21
CA THR B 28 -8.27 -28.04 14.43
C THR B 28 -7.03 -27.17 14.24
N PHE B 29 -6.08 -27.28 15.18
CA PHE B 29 -4.90 -26.45 15.16
C PHE B 29 -3.68 -27.29 15.48
N LYS B 30 -2.66 -27.23 14.61
CA LYS B 30 -1.36 -27.81 14.83
C LYS B 30 -0.30 -26.74 14.65
N THR B 31 0.94 -27.06 15.03
CA THR B 31 2.02 -26.10 14.83
C THR B 31 2.23 -25.76 13.36
N TYR B 32 1.86 -26.67 12.45
CA TYR B 32 2.00 -26.43 11.02
C TYR B 32 0.85 -25.63 10.40
N THR B 33 -0.20 -25.32 11.16
CA THR B 33 -1.41 -24.73 10.59
C THR B 33 -1.14 -23.36 9.98
N LEU B 34 -0.27 -22.55 10.60
CA LEU B 34 -0.11 -21.15 10.26
C LEU B 34 1.27 -20.85 9.69
N THR B 35 1.28 -20.19 8.54
CA THR B 35 2.44 -19.67 7.83
C THR B 35 2.48 -18.16 7.91
N TRP B 36 3.66 -17.59 7.70
CA TRP B 36 3.83 -16.15 7.74
C TRP B 36 4.34 -15.60 6.41
N VAL B 37 3.79 -14.45 6.03
CA VAL B 37 4.07 -13.74 4.78
C VAL B 37 4.15 -12.26 5.14
N ARG B 38 4.95 -11.49 4.42
CA ARG B 38 4.98 -10.05 4.67
C ARG B 38 4.88 -9.26 3.37
N GLN B 39 4.60 -7.97 3.51
CA GLN B 39 4.40 -7.09 2.37
C GLN B 39 4.92 -5.72 2.73
N ALA B 40 6.02 -5.32 2.12
CA ALA B 40 6.60 -4.01 2.35
C ALA B 40 5.74 -2.95 1.66
N PRO B 41 5.85 -1.69 2.11
CA PRO B 41 4.99 -0.62 1.55
C PRO B 41 5.06 -0.53 0.04
N GLY B 42 3.91 -0.67 -0.61
CA GLY B 42 3.79 -0.59 -2.06
C GLY B 42 4.37 -1.76 -2.82
N GLN B 43 4.78 -2.83 -2.13
CA GLN B 43 5.45 -3.97 -2.76
C GLN B 43 4.52 -5.19 -2.76
N GLY B 44 5.05 -6.29 -3.27
CA GLY B 44 4.30 -7.53 -3.33
C GLY B 44 4.47 -8.38 -2.08
N LEU B 45 4.04 -9.63 -2.20
CA LEU B 45 4.01 -10.56 -1.08
C LEU B 45 5.30 -11.36 -1.04
N GLU B 46 5.83 -11.53 0.17
CA GLU B 46 7.09 -12.27 0.38
C GLU B 46 6.83 -13.33 1.45
N TRP B 47 7.02 -14.59 1.07
CA TRP B 47 6.86 -15.69 2.03
C TRP B 47 8.00 -15.63 3.04
N LEU B 48 7.66 -15.73 4.33
CA LEU B 48 8.65 -15.78 5.39
C LEU B 48 8.99 -17.21 5.79
N GLY B 49 7.97 -18.02 6.04
CA GLY B 49 8.22 -19.39 6.41
C GLY B 49 6.96 -20.05 6.91
N GLY B 50 7.08 -21.36 7.12
CA GLY B 50 6.03 -22.14 7.70
C GLY B 50 6.61 -23.37 8.34
N ILE B 51 5.73 -24.27 8.77
CA ILE B 51 6.16 -25.50 9.43
C ILE B 51 5.70 -26.70 8.62
N ILE B 52 6.64 -27.57 8.28
CA ILE B 52 6.34 -28.78 7.52
C ILE B 52 5.60 -29.77 8.41
N PRO B 53 4.43 -30.27 8.00
CA PRO B 53 3.70 -31.20 8.86
C PRO B 53 4.45 -32.49 9.11
N ILE B 54 4.11 -33.14 10.23
CA ILE B 54 4.61 -34.43 10.67
C ILE B 54 6.02 -34.32 11.23
N PHE B 55 6.96 -33.88 10.39
CA PHE B 55 8.30 -33.57 10.87
C PHE B 55 8.33 -32.34 11.75
N ASP B 56 7.30 -31.50 11.68
CA ASP B 56 7.24 -30.27 12.48
C ASP B 56 8.49 -29.43 12.30
N ALA B 57 8.93 -29.33 11.05
CA ALA B 57 10.21 -28.69 10.73
C ALA B 57 9.95 -27.29 10.21
N PRO B 58 10.34 -26.24 10.92
CA PRO B 58 10.22 -24.89 10.34
C PRO B 58 11.10 -24.77 9.10
N ASN B 59 10.60 -24.04 8.11
CA ASN B 59 11.29 -23.83 6.85
C ASN B 59 11.13 -22.37 6.50
N TYR B 60 12.24 -21.69 6.19
CA TYR B 60 12.29 -20.23 6.13
C TYR B 60 12.84 -19.75 4.81
N ALA B 61 12.45 -18.53 4.45
CA ALA B 61 13.07 -17.84 3.33
C ALA B 61 14.58 -17.78 3.53
N PRO B 62 15.37 -18.23 2.56
CA PRO B 62 16.83 -18.22 2.75
C PRO B 62 17.40 -16.87 3.16
N LYS B 63 16.84 -15.78 2.66
CA LYS B 63 17.38 -14.46 2.97
C LYS B 63 17.21 -14.09 4.46
N LEU B 64 16.32 -14.76 5.19
CA LEU B 64 16.12 -14.50 6.61
C LEU B 64 16.58 -15.63 7.52
N LEU B 65 17.05 -16.74 6.96
CA LEU B 65 17.56 -17.84 7.77
C LEU B 65 18.58 -17.33 8.79
N GLY B 66 18.38 -17.74 10.05
CA GLY B 66 19.24 -17.35 11.14
C GLY B 66 18.72 -16.20 11.98
N ARG B 67 17.73 -15.47 11.44
CA ARG B 67 17.11 -14.29 12.05
C ARG B 67 15.63 -14.49 12.35
N LEU B 68 15.01 -15.53 11.82
CA LEU B 68 13.57 -15.69 11.83
C LEU B 68 13.25 -17.01 12.52
N THR B 69 12.30 -16.98 13.46
CA THR B 69 11.86 -18.17 14.16
C THR B 69 10.34 -18.18 14.15
N ILE B 70 9.75 -19.28 13.69
CA ILE B 70 8.30 -19.47 13.75
C ILE B 70 8.02 -20.62 14.71
N THR B 71 7.16 -20.37 15.69
CA THR B 71 6.77 -21.35 16.69
C THR B 71 5.26 -21.32 16.83
N ALA B 72 4.71 -22.33 17.50
CA ALA B 72 3.28 -22.35 17.72
C ALA B 72 2.97 -23.04 19.03
N ASP B 73 1.95 -22.54 19.71
CA ASP B 73 1.46 -23.12 20.97
C ASP B 73 0.11 -23.74 20.63
N GLU B 74 0.07 -25.07 20.50
CA GLU B 74 -1.17 -25.73 20.16
C GLU B 74 -2.22 -25.57 21.25
N SER B 75 -1.79 -25.45 22.51
CA SER B 75 -2.75 -25.32 23.60
C SER B 75 -3.50 -24.00 23.55
N THR B 76 -2.94 -22.96 22.92
CA THR B 76 -3.60 -21.67 22.79
C THR B 76 -3.89 -21.32 21.34
N LYS B 77 -3.65 -22.24 20.40
CA LYS B 77 -3.95 -22.03 18.98
C LYS B 77 -3.30 -20.75 18.46
N THR B 78 -2.06 -20.50 18.88
CA THR B 78 -1.35 -19.27 18.54
C THR B 78 -0.02 -19.59 17.89
N SER B 79 0.24 -18.96 16.76
CA SER B 79 1.54 -19.01 16.10
C SER B 79 2.27 -17.69 16.35
N TYR B 80 3.59 -17.78 16.42
CA TYR B 80 4.45 -16.64 16.71
C TYR B 80 5.52 -16.54 15.64
N MET B 81 5.76 -15.32 15.19
CA MET B 81 6.81 -15.01 14.24
C MET B 81 7.77 -14.06 14.95
N GLU B 82 9.02 -14.49 15.14
CA GLU B 82 10.03 -13.66 15.78
C GLU B 82 11.13 -13.36 14.78
N LEU B 83 11.40 -12.07 14.55
CA LEU B 83 12.40 -11.63 13.60
C LEU B 83 13.38 -10.73 14.34
N SER B 84 14.66 -11.09 14.34
CA SER B 84 15.67 -10.36 15.11
C SER B 84 16.64 -9.65 14.17
N SER B 85 17.58 -8.91 14.79
CA SER B 85 18.54 -8.08 14.04
CA SER B 85 18.54 -8.09 14.05
C SER B 85 17.84 -7.27 12.96
N LEU B 86 16.80 -6.54 13.38
CA LEU B 86 15.91 -5.88 12.44
C LEU B 86 16.62 -4.80 11.63
N ARG B 87 16.17 -4.65 10.39
CA ARG B 87 16.69 -3.67 9.45
C ARG B 87 15.51 -2.88 8.90
N SER B 88 15.82 -1.70 8.37
CA SER B 88 14.75 -0.83 7.86
C SER B 88 13.90 -1.55 6.82
N GLU B 89 14.51 -2.38 5.98
CA GLU B 89 13.75 -3.09 4.95
C GLU B 89 12.87 -4.19 5.51
N ASP B 90 12.94 -4.49 6.81
CA ASP B 90 11.97 -5.37 7.44
C ASP B 90 10.66 -4.65 7.74
N SER B 91 10.59 -3.34 7.51
CA SER B 91 9.35 -2.60 7.70
C SER B 91 8.30 -3.11 6.70
N ALA B 92 7.17 -3.56 7.21
CA ALA B 92 6.21 -4.25 6.35
C ALA B 92 4.96 -4.56 7.17
N ILE B 93 3.89 -4.93 6.48
CA ILE B 93 2.77 -5.61 7.12
C ILE B 93 3.06 -7.10 7.11
N TYR B 94 2.98 -7.71 8.29
CA TYR B 94 3.23 -9.13 8.48
C TYR B 94 1.88 -9.82 8.62
N TYR B 95 1.67 -10.87 7.81
CA TYR B 95 0.42 -11.61 7.81
C TYR B 95 0.66 -13.05 8.23
N CYS B 96 -0.26 -13.57 9.02
CA CYS B 96 -0.36 -15.01 9.20
CA CYS B 96 -0.36 -15.01 9.20
C CYS B 96 -1.44 -15.54 8.25
N ALA B 97 -1.24 -16.77 7.79
CA ALA B 97 -2.19 -17.39 6.88
C ALA B 97 -2.26 -18.87 7.20
N ARG B 98 -3.47 -19.42 7.17
CA ARG B 98 -3.66 -20.84 7.31
C ARG B 98 -3.31 -21.56 6.01
N VAL B 99 -2.57 -22.65 6.14
CA VAL B 99 -2.27 -23.53 5.02
C VAL B 99 -3.36 -24.59 4.93
N GLY B 100 -3.96 -24.71 3.75
CA GLY B 100 -4.99 -25.70 3.52
C GLY B 100 -4.41 -27.06 3.19
N ASP B 101 -5.31 -27.98 2.83
CA ASP B 101 -4.88 -29.34 2.52
C ASP B 101 -3.90 -29.35 1.35
N TYR B 102 -2.88 -30.19 1.43
CA TYR B 102 -1.88 -30.28 0.36
C TYR B 102 -2.27 -31.26 -0.73
N GLY B 103 -3.43 -31.91 -0.63
CA GLY B 103 -3.86 -32.82 -1.68
C GLY B 103 -2.89 -33.98 -1.80
N ASP B 104 -2.42 -34.23 -3.03
CA ASP B 104 -1.45 -35.29 -3.28
C ASP B 104 -0.03 -34.77 -3.32
N HIS B 105 0.22 -33.52 -2.94
CA HIS B 105 1.54 -32.89 -3.08
C HIS B 105 1.95 -32.21 -1.79
N PRO B 106 2.30 -32.99 -0.78
CA PRO B 106 2.86 -32.40 0.44
C PRO B 106 4.16 -31.68 0.16
N PRO B 107 4.61 -30.80 1.06
CA PRO B 107 4.04 -30.54 2.38
C PRO B 107 3.10 -29.35 2.45
N TRP B 108 2.94 -28.56 1.39
CA TRP B 108 2.20 -27.30 1.47
C TRP B 108 0.91 -27.34 0.68
N GLY B 109 -0.17 -26.91 1.32
CA GLY B 109 -1.38 -26.49 0.64
C GLY B 109 -1.29 -25.01 0.29
N TRP B 110 -2.44 -24.40 0.08
CA TRP B 110 -2.58 -23.00 -0.29
C TRP B 110 -2.94 -22.17 0.93
N PHE B 111 -2.82 -20.85 0.79
CA PHE B 111 -3.12 -19.94 1.91
C PHE B 111 -4.59 -19.53 1.82
N ASP B 112 -5.44 -20.26 2.54
CA ASP B 112 -6.88 -20.15 2.33
C ASP B 112 -7.60 -19.28 3.34
N LEU B 113 -6.89 -18.72 4.32
CA LEU B 113 -7.47 -17.86 5.33
C LEU B 113 -6.34 -17.02 5.89
N TRP B 114 -6.59 -15.73 6.09
CA TRP B 114 -5.54 -14.80 6.46
C TRP B 114 -5.92 -14.00 7.70
N GLY B 115 -4.90 -13.64 8.48
CA GLY B 115 -5.07 -12.68 9.54
C GLY B 115 -5.22 -11.29 8.97
N GLN B 116 -5.47 -10.33 9.87
CA GLN B 116 -5.69 -8.95 9.46
C GLN B 116 -4.40 -8.19 9.18
N GLY B 117 -3.26 -8.78 9.51
CA GLY B 117 -1.98 -8.10 9.32
C GLY B 117 -1.54 -7.34 10.55
N THR B 118 -0.22 -7.22 10.70
CA THR B 118 0.42 -6.47 11.77
C THR B 118 1.48 -5.56 11.15
N LEU B 119 1.36 -4.26 11.37
CA LEU B 119 2.35 -3.33 10.86
C LEU B 119 3.57 -3.34 11.77
N VAL B 120 4.75 -3.52 11.17
CA VAL B 120 6.01 -3.41 11.88
C VAL B 120 6.83 -2.33 11.18
N THR B 121 7.19 -1.29 11.93
CA THR B 121 8.05 -0.23 11.43
C THR B 121 9.41 -0.35 12.09
N VAL B 122 10.46 -0.40 11.30
CA VAL B 122 11.84 -0.41 11.79
C VAL B 122 12.50 0.87 11.36
N SER B 123 12.97 1.65 12.33
CA SER B 123 13.51 2.97 12.02
C SER B 123 14.30 3.46 13.23
N SER B 124 15.30 4.30 12.95
CA SER B 124 16.02 4.98 14.02
C SER B 124 15.26 6.16 14.60
N ALA B 125 14.16 6.58 13.97
CA ALA B 125 13.43 7.75 14.43
C ALA B 125 12.76 7.47 15.77
N SER B 126 12.44 8.56 16.47
CA SER B 126 11.71 8.50 17.72
C SER B 126 10.33 9.13 17.54
N THR B 127 9.40 8.71 18.40
CA THR B 127 8.04 9.21 18.35
C THR B 127 8.02 10.73 18.34
N LYS B 128 7.23 11.29 17.43
CA LYS B 128 7.15 12.74 17.30
C LYS B 128 5.81 13.09 16.68
N GLY B 129 5.09 14.01 17.30
CA GLY B 129 3.83 14.48 16.77
C GLY B 129 4.03 15.41 15.59
N PRO B 130 3.02 15.52 14.74
CA PRO B 130 3.15 16.38 13.56
C PRO B 130 3.01 17.85 13.89
N SER B 131 3.56 18.67 13.00
CA SER B 131 3.19 20.07 12.89
C SER B 131 2.12 20.18 11.81
N VAL B 132 1.09 20.98 12.05
CA VAL B 132 -0.01 21.12 11.11
C VAL B 132 0.01 22.54 10.58
N PHE B 133 -0.01 22.69 9.26
CA PHE B 133 0.03 24.00 8.64
C PHE B 133 -1.11 24.15 7.64
N PRO B 134 -1.64 25.35 7.48
CA PRO B 134 -2.75 25.53 6.54
C PRO B 134 -2.29 25.50 5.09
N LEU B 135 -3.14 24.93 4.24
CA LEU B 135 -3.06 25.08 2.78
C LEU B 135 -4.22 26.01 2.43
N ALA B 136 -3.91 27.31 2.33
CA ALA B 136 -5.00 28.29 2.39
C ALA B 136 -5.61 28.49 1.01
N PRO B 137 -6.92 28.74 0.92
CA PRO B 137 -7.55 28.94 -0.39
C PRO B 137 -7.03 30.19 -1.08
N SER B 138 -6.78 30.06 -2.38
CA SER B 138 -6.18 31.14 -3.15
C SER B 138 -7.09 32.37 -3.17
N SER B 139 -6.47 33.55 -3.12
CA SER B 139 -7.21 34.80 -3.28
C SER B 139 -7.76 34.97 -4.69
N LYS B 140 -7.29 34.16 -5.64
CA LYS B 140 -7.83 34.17 -7.00
C LYS B 140 -8.84 33.06 -7.24
N SER B 141 -9.34 32.43 -6.17
CA SER B 141 -10.42 31.45 -6.31
C SER B 141 -11.55 32.03 -7.15
N THR B 142 -12.02 31.22 -8.09
CA THR B 142 -13.03 31.67 -9.05
C THR B 142 -14.31 32.10 -8.32
N SER B 143 -14.70 33.36 -8.54
CA SER B 143 -15.89 33.90 -7.90
C SER B 143 -17.11 33.07 -8.28
N GLY B 144 -17.86 32.63 -7.27
CA GLY B 144 -18.98 31.73 -7.50
C GLY B 144 -18.59 30.33 -7.91
N GLY B 145 -17.30 29.99 -7.93
CA GLY B 145 -16.86 28.68 -8.33
C GLY B 145 -16.41 27.83 -7.16
N THR B 146 -15.30 27.11 -7.35
CA THR B 146 -14.81 26.14 -6.38
C THR B 146 -13.42 26.53 -5.92
N ALA B 147 -13.18 26.43 -4.62
CA ALA B 147 -11.87 26.69 -4.03
C ALA B 147 -11.37 25.42 -3.34
N ALA B 148 -10.05 25.24 -3.36
CA ALA B 148 -9.42 24.14 -2.64
C ALA B 148 -8.70 24.68 -1.42
N LEU B 149 -8.78 23.94 -0.33
CA LEU B 149 -8.02 24.26 0.88
C LEU B 149 -7.62 22.96 1.54
N GLY B 150 -6.79 23.05 2.57
CA GLY B 150 -6.28 21.82 3.15
C GLY B 150 -5.42 22.06 4.38
N CYS B 151 -4.85 20.95 4.86
CA CYS B 151 -3.87 20.97 5.95
C CYS B 151 -2.70 20.11 5.58
N LEU B 152 -1.50 20.63 5.81
CA LEU B 152 -0.25 19.91 5.66
C LEU B 152 0.12 19.38 7.05
N VAL B 153 0.26 18.07 7.15
CA VAL B 153 0.52 17.38 8.42
C VAL B 153 1.95 16.85 8.31
N LYS B 154 2.90 17.56 8.89
CA LYS B 154 4.31 17.39 8.55
C LYS B 154 5.15 16.91 9.74
N ASP B 155 6.09 16.02 9.43
CA ASP B 155 7.17 15.66 10.33
C ASP B 155 6.68 14.88 11.56
N TYR B 156 6.04 13.75 11.35
CA TYR B 156 5.60 12.90 12.44
C TYR B 156 6.19 11.50 12.30
N PHE B 157 6.21 10.79 13.43
CA PHE B 157 6.65 9.41 13.43
C PHE B 157 6.07 8.73 14.66
N PRO B 158 5.61 7.47 14.56
CA PRO B 158 5.44 6.64 13.38
C PRO B 158 4.08 6.91 12.73
N GLU B 159 3.75 6.16 11.68
CA GLU B 159 2.37 6.10 11.22
C GLU B 159 1.52 5.46 12.31
N PRO B 160 0.21 5.72 12.33
CA PRO B 160 -0.57 6.54 11.39
C PRO B 160 -1.04 7.84 12.00
N VAL B 161 -1.48 8.73 11.12
CA VAL B 161 -2.28 9.88 11.50
C VAL B 161 -3.64 9.74 10.84
N THR B 162 -4.67 10.27 11.50
CA THR B 162 -5.97 10.39 10.87
C THR B 162 -6.30 11.87 10.72
N VAL B 163 -7.05 12.17 9.66
CA VAL B 163 -7.56 13.51 9.42
C VAL B 163 -9.04 13.41 9.08
N SER B 164 -9.85 14.25 9.73
CA SER B 164 -11.22 14.48 9.33
C SER B 164 -11.41 15.97 9.12
N TRP B 165 -12.56 16.35 8.58
CA TRP B 165 -12.91 17.75 8.42
C TRP B 165 -14.21 18.02 9.14
N ASN B 166 -14.26 19.13 9.86
CA ASN B 166 -15.47 19.56 10.57
C ASN B 166 -16.01 18.45 11.46
N SER B 167 -15.10 17.80 12.18
CA SER B 167 -15.43 16.78 13.17
C SER B 167 -16.16 15.60 12.54
N GLY B 168 -15.84 15.32 11.28
CA GLY B 168 -16.43 14.22 10.54
C GLY B 168 -17.65 14.58 9.74
N ALA B 169 -18.17 15.81 9.88
CA ALA B 169 -19.37 16.20 9.15
C ALA B 169 -19.09 16.48 7.69
N LEU B 170 -17.87 16.82 7.31
CA LEU B 170 -17.55 17.18 5.93
C LEU B 170 -16.74 16.08 5.30
N THR B 171 -17.36 15.37 4.34
CA THR B 171 -16.71 14.36 3.50
C THR B 171 -16.77 14.69 2.03
N SER B 172 -17.78 15.46 1.58
CA SER B 172 -17.86 15.88 0.18
C SER B 172 -16.62 16.67 -0.23
N GLY B 173 -15.89 16.14 -1.20
CA GLY B 173 -14.73 16.81 -1.75
C GLY B 173 -13.42 16.58 -1.04
N VAL B 174 -13.36 15.69 -0.03
CA VAL B 174 -12.14 15.50 0.77
C VAL B 174 -11.24 14.47 0.10
N HIS B 175 -9.92 14.76 0.06
CA HIS B 175 -8.92 13.77 -0.32
C HIS B 175 -7.79 13.86 0.69
N THR B 176 -7.55 12.78 1.42
CA THR B 176 -6.45 12.69 2.34
C THR B 176 -5.40 11.78 1.73
N PHE B 177 -4.23 12.30 1.45
CA PHE B 177 -3.22 11.59 0.70
C PHE B 177 -2.47 10.61 1.58
N PRO B 178 -1.99 9.51 1.00
CA PRO B 178 -1.09 8.63 1.74
C PRO B 178 0.16 9.39 2.14
N ALA B 179 0.70 9.03 3.30
CA ALA B 179 1.90 9.70 3.77
C ALA B 179 3.09 9.34 2.91
N VAL B 180 4.07 10.24 2.86
CA VAL B 180 5.36 9.99 2.25
C VAL B 180 6.39 9.98 3.36
N LEU B 181 7.39 9.14 3.22
CA LEU B 181 8.51 9.12 4.15
C LEU B 181 9.59 10.07 3.60
N GLN B 182 9.99 11.04 4.40
CA GLN B 182 11.01 11.99 4.00
C GLN B 182 12.40 11.44 4.34
N SER B 183 13.41 12.05 3.73
CA SER B 183 14.80 11.62 3.99
C SER B 183 15.21 11.86 5.44
N SER B 184 14.54 12.78 6.13
CA SER B 184 14.75 12.95 7.57
C SER B 184 14.32 11.73 8.36
N GLY B 185 13.59 10.79 7.76
CA GLY B 185 13.00 9.70 8.50
C GLY B 185 11.62 9.99 9.08
N LEU B 186 11.07 11.17 8.87
CA LEU B 186 9.75 11.52 9.36
C LEU B 186 8.75 11.51 8.21
N TYR B 187 7.50 11.24 8.55
CA TYR B 187 6.41 11.20 7.58
C TYR B 187 5.76 12.56 7.42
N SER B 188 5.07 12.74 6.29
CA SER B 188 4.25 13.91 6.05
C SER B 188 3.11 13.51 5.14
N LEU B 189 1.96 14.15 5.30
CA LEU B 189 0.86 14.02 4.36
C LEU B 189 0.10 15.33 4.30
N SER B 190 -0.74 15.46 3.30
CA SER B 190 -1.72 16.55 3.24
C SER B 190 -3.12 15.98 3.10
N SER B 191 -4.10 16.77 3.55
CA SER B 191 -5.50 16.49 3.34
C SER B 191 -6.11 17.76 2.76
N VAL B 192 -6.88 17.60 1.70
CA VAL B 192 -7.49 18.72 0.99
C VAL B 192 -8.98 18.51 0.85
N VAL B 193 -9.68 19.61 0.60
CA VAL B 193 -11.11 19.58 0.33
C VAL B 193 -11.43 20.73 -0.61
N THR B 194 -12.37 20.51 -1.52
CA THR B 194 -12.88 21.58 -2.36
C THR B 194 -14.24 22.02 -1.85
N VAL B 195 -14.48 23.33 -1.84
CA VAL B 195 -15.65 23.96 -1.24
C VAL B 195 -16.11 25.10 -2.14
N PRO B 196 -17.35 25.55 -1.98
CA PRO B 196 -17.77 26.73 -2.75
C PRO B 196 -16.94 27.95 -2.35
N SER B 197 -16.41 28.64 -3.37
CA SER B 197 -15.65 29.87 -3.13
C SER B 197 -16.47 30.86 -2.29
N SER B 198 -17.78 30.93 -2.55
CA SER B 198 -18.62 31.90 -1.87
C SER B 198 -18.84 31.58 -0.40
N SER B 199 -18.42 30.40 0.07
CA SER B 199 -18.58 30.04 1.46
C SER B 199 -17.37 30.41 2.32
N LEU B 200 -16.27 30.85 1.70
CA LEU B 200 -15.01 31.05 2.41
C LEU B 200 -15.11 32.09 3.50
N GLY B 201 -16.13 32.96 3.46
CA GLY B 201 -16.24 34.01 4.46
C GLY B 201 -17.08 33.68 5.68
N THR B 202 -17.93 32.65 5.58
CA THR B 202 -18.91 32.42 6.64
C THR B 202 -18.89 31.00 7.22
N GLN B 203 -18.56 30.00 6.42
CA GLN B 203 -18.46 28.63 6.92
C GLN B 203 -17.06 28.37 7.44
N THR B 204 -16.96 27.66 8.55
CA THR B 204 -15.66 27.27 9.08
C THR B 204 -15.25 25.93 8.48
N TYR B 205 -13.97 25.82 8.12
CA TYR B 205 -13.39 24.58 7.62
C TYR B 205 -12.22 24.25 8.54
N ILE B 206 -12.37 23.16 9.28
CA ILE B 206 -11.40 22.75 10.30
C ILE B 206 -10.92 21.35 9.97
N CYS B 207 -9.60 21.17 9.90
CA CYS B 207 -9.07 19.83 9.81
C CYS B 207 -8.77 19.32 11.22
N ASN B 208 -9.25 18.10 11.51
CA ASN B 208 -9.05 17.46 12.80
C ASN B 208 -7.98 16.39 12.62
N VAL B 209 -6.80 16.63 13.19
CA VAL B 209 -5.65 15.76 13.04
C VAL B 209 -5.42 15.01 14.34
N ASN B 210 -5.21 13.70 14.24
CA ASN B 210 -4.95 12.90 15.44
C ASN B 210 -3.77 11.98 15.14
N HIS B 211 -2.70 12.13 15.90
CA HIS B 211 -1.55 11.24 15.85
C HIS B 211 -1.51 10.54 17.20
N LYS B 212 -2.22 9.41 17.28
CA LYS B 212 -2.32 8.68 18.54
C LYS B 212 -0.97 8.25 19.11
N PRO B 213 0.01 7.81 18.31
CA PRO B 213 1.28 7.38 18.92
C PRO B 213 1.96 8.42 19.81
N SER B 214 1.77 9.71 19.52
CA SER B 214 2.37 10.76 20.33
C SER B 214 1.33 11.48 21.18
N ASN B 215 0.10 11.00 21.19
CA ASN B 215 -0.99 11.66 21.91
C ASN B 215 -1.12 13.13 21.51
N THR B 216 -1.10 13.37 20.19
CA THR B 216 -1.16 14.73 19.65
C THR B 216 -2.43 14.86 18.83
N LYS B 217 -3.31 15.77 19.24
CA LYS B 217 -4.49 16.11 18.47
C LYS B 217 -4.49 17.61 18.25
N VAL B 218 -4.79 18.02 17.02
CA VAL B 218 -4.83 19.42 16.63
C VAL B 218 -6.08 19.62 15.78
N ASP B 219 -6.80 20.71 16.01
CA ASP B 219 -7.84 21.18 15.10
C ASP B 219 -7.37 22.52 14.53
N LYS B 220 -7.29 22.62 13.22
CA LYS B 220 -6.85 23.85 12.57
C LYS B 220 -7.93 24.38 11.66
N LYS B 221 -8.39 25.60 11.93
CA LYS B 221 -9.26 26.31 11.01
C LYS B 221 -8.44 26.91 9.90
N VAL B 222 -8.84 26.65 8.66
CA VAL B 222 -8.12 27.10 7.46
C VAL B 222 -8.97 28.14 6.75
N GLU B 223 -8.40 29.31 6.52
CA GLU B 223 -9.14 30.42 5.95
C GLU B 223 -8.25 31.11 4.93
N PRO B 224 -8.81 31.94 4.06
CA PRO B 224 -7.96 32.77 3.19
C PRO B 224 -6.96 33.56 4.02
N LYS B 225 -5.73 33.65 3.50
CA LYS B 225 -4.70 34.44 4.18
C LYS B 225 -5.01 35.92 4.06
N SER B 226 -4.90 36.65 5.17
CA SER B 226 -5.16 38.08 5.16
C SER B 226 -3.98 38.83 4.53
N CYS B 227 -4.30 39.91 3.81
CA CYS B 227 -3.31 40.70 3.10
C CYS B 227 -2.71 41.73 4.07
N ASP B 228 -1.41 41.61 4.32
CA ASP B 228 -0.72 42.45 5.30
C ASP B 228 -1.43 42.51 6.64
N MET C 1 22.00 -27.99 6.48
CA MET C 1 21.25 -27.03 5.66
C MET C 1 19.75 -27.24 5.83
N GLN C 2 18.97 -26.26 5.40
CA GLN C 2 17.53 -26.39 5.47
C GLN C 2 17.06 -27.54 4.58
N TRP C 3 15.96 -28.16 4.97
CA TRP C 3 15.28 -29.04 4.02
C TRP C 3 14.80 -28.23 2.83
N ASN C 4 14.63 -28.90 1.70
CA ASN C 4 14.13 -28.28 0.49
C ASN C 4 13.27 -29.28 -0.25
N SER C 5 12.57 -28.81 -1.29
CA SER C 5 11.58 -29.63 -1.96
C SER C 5 12.21 -30.83 -2.67
N THR C 6 13.42 -30.68 -3.22
CA THR C 6 14.07 -31.83 -3.86
C THR C 6 14.36 -32.93 -2.83
N ALA C 7 15.01 -32.55 -1.72
CA ALA C 7 15.34 -33.51 -0.68
C ALA C 7 14.09 -34.08 -0.03
N PHE C 8 13.06 -33.26 0.12
CA PHE C 8 11.82 -33.71 0.75
C PHE C 8 11.15 -34.80 -0.08
N HIS C 9 10.99 -34.56 -1.38
CA HIS C 9 10.36 -35.57 -2.21
C HIS C 9 11.27 -36.79 -2.37
N GLN C 10 12.58 -36.62 -2.27
CA GLN C 10 13.44 -37.79 -2.17
C GLN C 10 13.10 -38.61 -0.93
N ALA C 11 12.91 -37.96 0.22
CA ALA C 11 12.56 -38.70 1.43
C ALA C 11 11.24 -39.44 1.27
N LEU C 12 10.31 -38.87 0.54
CA LEU C 12 9.00 -39.50 0.36
C LEU C 12 9.02 -40.63 -0.67
N GLN C 13 10.18 -40.92 -1.27
CA GLN C 13 10.31 -42.13 -2.08
C GLN C 13 10.10 -43.38 -1.22
N ASP C 14 10.44 -43.30 0.06
CA ASP C 14 10.16 -44.39 0.97
C ASP C 14 8.67 -44.48 1.19
N PRO C 15 8.02 -45.59 0.84
CA PRO C 15 6.55 -45.66 0.96
C PRO C 15 6.04 -45.42 2.37
N ARG C 16 6.79 -45.82 3.40
CA ARG C 16 6.33 -45.59 4.77
C ARG C 16 6.40 -44.11 5.13
N VAL C 17 7.41 -43.40 4.63
CA VAL C 17 7.49 -41.97 4.89
C VAL C 17 6.39 -41.23 4.12
N ARG C 18 6.20 -41.58 2.85
CA ARG C 18 5.09 -41.00 2.10
C ARG C 18 3.77 -41.25 2.82
N GLY C 19 3.60 -42.45 3.39
CA GLY C 19 2.37 -42.79 4.07
C GLY C 19 2.06 -41.92 5.28
N LEU C 20 3.08 -41.28 5.87
CA LEU C 20 2.83 -40.33 6.95
C LEU C 20 1.93 -39.19 6.51
N TYR C 21 1.95 -38.85 5.21
CA TYR C 21 1.15 -37.78 4.67
C TYR C 21 -0.21 -38.23 4.15
N PHE C 22 -0.47 -39.54 4.18
CA PHE C 22 -1.71 -40.12 3.66
C PHE C 22 -2.10 -41.29 4.57
N PRO C 23 -2.52 -40.99 5.81
CA PRO C 23 -2.78 -42.06 6.77
C PRO C 23 -4.09 -42.79 6.49
#